data_4XUN
#
_entry.id   4XUN
#
_cell.length_a   92.539
_cell.length_b   92.539
_cell.length_c   48.401
_cell.angle_alpha   90.00
_cell.angle_beta   90.00
_cell.angle_gamma   120.00
#
_symmetry.space_group_name_H-M   'P 32'
#
loop_
_entity.id
_entity.type
_entity.pdbx_description
1 polymer 'Endo-1,4-beta-xylanase C'
2 non-polymer 'CALCIUM ION'
3 water water
#
_entity_poly.entity_id   1
_entity_poly.type   'polypeptide(L)'
_entity_poly.pdbx_seq_one_letter_code
;APENPGEPGEAGQALFKADFEDGNIGNWRARGTEKLEVVSGIGHNSNRSLKTSSRSETYHGPLVEVLPYLQKGSTVHISF
WAMYDEGPATQVINGSLEKEFNRDTANLEYAMFASTTLNKGQWKKIEADIIVPAESTGISGLRMYAETPWKQSSEVTETD
TIPFYVDDVQITATEAIAIEK
;
_entity_poly.pdbx_strand_id   A,B,C
#
# COMPACT_ATOMS: atom_id res chain seq x y z
N ALA A 14 -17.97 -37.11 9.38
CA ALA A 14 -16.96 -35.95 9.32
C ALA A 14 -15.61 -36.26 8.55
N LEU A 15 -15.62 -36.14 7.22
CA LEU A 15 -14.42 -36.44 6.38
C LEU A 15 -13.43 -35.27 6.28
N PHE A 16 -13.97 -34.05 6.31
CA PHE A 16 -13.21 -32.81 6.24
C PHE A 16 -13.94 -31.78 7.06
N LYS A 17 -13.22 -31.02 7.89
CA LYS A 17 -13.83 -29.93 8.66
C LYS A 17 -12.84 -28.78 8.67
N ALA A 18 -13.30 -27.57 8.41
CA ALA A 18 -12.50 -26.38 8.66
C ALA A 18 -13.36 -25.36 9.44
N ASP A 19 -12.98 -25.10 10.68
CA ASP A 19 -13.66 -24.12 11.52
C ASP A 19 -12.81 -22.88 11.83
N PHE A 20 -11.54 -22.94 11.42
CA PHE A 20 -10.58 -21.85 11.53
C PHE A 20 -10.21 -21.42 12.94
N GLU A 21 -10.62 -22.20 13.92
CA GLU A 21 -10.50 -21.76 15.32
C GLU A 21 -9.04 -21.82 15.80
N ASP A 22 -8.21 -22.61 15.12
CA ASP A 22 -6.77 -22.61 15.36
C ASP A 22 -6.04 -21.41 14.75
N GLY A 23 -6.75 -20.57 13.98
CA GLY A 23 -6.18 -19.42 13.31
C GLY A 23 -5.38 -19.73 12.05
N ASN A 24 -5.45 -20.97 11.59
CA ASN A 24 -4.60 -21.41 10.47
C ASN A 24 -5.36 -21.39 9.12
N ILE A 25 -4.69 -20.85 8.13
CA ILE A 25 -5.16 -20.88 6.76
C ILE A 25 -5.17 -22.28 6.16
N GLY A 26 -4.32 -23.16 6.70
CA GLY A 26 -4.14 -24.49 6.10
C GLY A 26 -3.81 -24.42 4.62
N ASN A 27 -4.52 -25.22 3.79
CA ASN A 27 -4.30 -25.25 2.34
C ASN A 27 -5.27 -24.40 1.54
N TRP A 28 -6.01 -23.55 2.22
CA TRP A 28 -6.92 -22.65 1.49
C TRP A 28 -6.14 -21.67 0.65
N ARG A 29 -6.65 -21.37 -0.52
CA ARG A 29 -6.00 -20.42 -1.42
C ARG A 29 -6.97 -19.59 -2.26
N ALA A 30 -6.44 -18.48 -2.73
CA ALA A 30 -7.10 -17.65 -3.70
C ALA A 30 -7.14 -18.34 -5.07
N ARG A 31 -8.09 -17.91 -5.88
CA ARG A 31 -8.20 -18.37 -7.27
C ARG A 31 -7.37 -17.45 -8.20
N GLY A 32 -7.33 -16.15 -7.86
CA GLY A 32 -6.63 -15.14 -8.65
C GLY A 32 -5.80 -14.27 -7.72
N THR A 33 -6.01 -12.97 -7.79
CA THR A 33 -5.20 -11.99 -7.06
C THR A 33 -5.84 -11.53 -5.73
N GLU A 34 -6.91 -12.20 -5.32
CA GLU A 34 -7.67 -11.78 -4.11
C GLU A 34 -6.91 -12.23 -2.88
N LYS A 35 -7.36 -11.76 -1.70
CA LYS A 35 -6.64 -11.96 -0.47
C LYS A 35 -7.44 -12.75 0.53
N LEU A 36 -6.83 -13.79 1.06
CA LEU A 36 -7.44 -14.63 2.10
C LEU A 36 -6.75 -14.38 3.44
N GLU A 37 -7.56 -14.31 4.49
CA GLU A 37 -7.06 -14.11 5.82
C GLU A 37 -7.97 -14.80 6.82
N VAL A 38 -7.40 -15.49 7.80
CA VAL A 38 -8.22 -15.96 8.92
C VAL A 38 -8.33 -14.82 9.91
N VAL A 39 -9.56 -14.40 10.18
CA VAL A 39 -9.80 -13.26 11.04
C VAL A 39 -10.31 -13.71 12.39
N SER A 40 -10.13 -12.87 13.41
CA SER A 40 -10.69 -13.16 14.72
C SER A 40 -11.67 -12.09 15.09
N GLY A 41 -12.66 -12.50 15.88
CA GLY A 41 -13.76 -11.64 16.26
C GLY A 41 -14.96 -11.73 15.36
N ILE A 42 -14.87 -12.54 14.30
CA ILE A 42 -15.97 -12.76 13.34
C ILE A 42 -15.96 -14.26 13.05
N GLY A 43 -17.09 -14.90 13.31
CA GLY A 43 -17.25 -16.32 12.97
C GLY A 43 -18.67 -16.75 13.12
N HIS A 44 -18.98 -17.93 12.60
CA HIS A 44 -20.27 -18.52 12.79
C HIS A 44 -20.31 -19.23 14.15
N ASN A 45 -21.05 -18.65 15.09
CA ASN A 45 -21.11 -19.19 16.45
C ASN A 45 -19.74 -19.59 16.95
N SER A 46 -18.77 -18.71 16.71
CA SER A 46 -17.39 -18.96 16.95
C SER A 46 -16.60 -17.67 16.73
N ASN A 47 -15.32 -17.67 17.12
CA ASN A 47 -14.50 -16.45 17.07
C ASN A 47 -13.71 -16.27 15.80
N ARG A 48 -13.60 -17.31 14.97
CA ARG A 48 -12.75 -17.17 13.78
C ARG A 48 -13.40 -17.67 12.49
N SER A 49 -12.97 -17.08 11.38
CA SER A 49 -13.49 -17.48 10.07
C SER A 49 -12.54 -17.00 8.98
N LEU A 50 -12.82 -17.38 7.73
CA LEU A 50 -11.93 -17.11 6.62
C LEU A 50 -12.51 -16.01 5.76
N LYS A 51 -11.83 -14.87 5.75
CA LYS A 51 -12.24 -13.74 4.98
C LYS A 51 -11.54 -13.66 3.65
N THR A 52 -12.31 -13.40 2.61
CA THR A 52 -11.79 -13.17 1.27
C THR A 52 -12.10 -11.71 0.92
N SER A 53 -11.06 -10.96 0.58
CA SER A 53 -11.22 -9.58 0.19
C SER A 53 -10.33 -9.23 -1.01
N SER A 54 -10.31 -7.95 -1.40
CA SER A 54 -9.59 -7.57 -2.62
C SER A 54 -10.02 -8.43 -3.82
N ARG A 55 -11.31 -8.80 -3.88
CA ARG A 55 -11.87 -9.49 -5.04
C ARG A 55 -12.08 -8.51 -6.20
N SER A 56 -11.66 -8.89 -7.41
CA SER A 56 -11.92 -8.07 -8.58
C SER A 56 -12.63 -8.81 -9.73
N GLU A 57 -12.96 -10.08 -9.50
CA GLU A 57 -13.77 -10.89 -10.39
C GLU A 57 -14.81 -11.63 -9.55
N THR A 58 -15.92 -12.04 -10.17
CA THR A 58 -16.99 -12.76 -9.45
C THR A 58 -16.50 -14.13 -9.00
N TYR A 59 -15.58 -14.70 -9.76
CA TYR A 59 -15.05 -16.01 -9.43
C TYR A 59 -13.86 -16.02 -8.47
N HIS A 60 -13.42 -14.87 -7.99
CA HIS A 60 -12.53 -14.81 -6.86
C HIS A 60 -13.27 -15.20 -5.60
N GLY A 61 -12.62 -16.04 -4.81
CA GLY A 61 -13.21 -16.59 -3.64
C GLY A 61 -12.31 -17.66 -3.06
N PRO A 62 -12.60 -18.12 -1.83
CA PRO A 62 -11.73 -19.07 -1.14
C PRO A 62 -11.91 -20.50 -1.69
N LEU A 63 -10.78 -21.16 -1.91
CA LEU A 63 -10.80 -22.48 -2.50
C LEU A 63 -9.91 -23.41 -1.70
N VAL A 64 -10.34 -24.68 -1.62
CA VAL A 64 -9.51 -25.69 -0.99
C VAL A 64 -9.64 -27.03 -1.73
N GLU A 65 -8.51 -27.69 -1.90
CA GLU A 65 -8.49 -29.05 -2.48
C GLU A 65 -9.03 -30.07 -1.48
N VAL A 66 -10.02 -30.86 -1.90
CA VAL A 66 -10.59 -31.83 -0.99
C VAL A 66 -10.50 -33.26 -1.49
N LEU A 67 -10.08 -33.46 -2.71
CA LEU A 67 -10.00 -34.85 -3.22
C LEU A 67 -9.25 -35.83 -2.27
N PRO A 68 -8.14 -35.43 -1.67
CA PRO A 68 -7.38 -36.38 -0.82
C PRO A 68 -8.08 -36.87 0.41
N TYR A 69 -9.10 -36.13 0.84
CA TYR A 69 -9.92 -36.47 1.99
C TYR A 69 -11.04 -37.48 1.68
N LEU A 70 -11.28 -37.75 0.38
CA LEU A 70 -12.49 -38.42 -0.05
C LEU A 70 -12.21 -39.75 -0.76
N GLN A 71 -13.19 -40.65 -0.72
CA GLN A 71 -13.11 -41.87 -1.56
C GLN A 71 -13.68 -41.57 -2.95
N LYS A 72 -12.89 -41.83 -3.98
CA LYS A 72 -13.35 -41.71 -5.35
C LYS A 72 -14.52 -42.66 -5.59
N GLY A 73 -15.53 -42.16 -6.30
CA GLY A 73 -16.75 -42.92 -6.57
C GLY A 73 -17.91 -42.66 -5.62
N SER A 74 -17.64 -41.98 -4.52
CA SER A 74 -18.60 -41.93 -3.43
C SER A 74 -19.48 -40.69 -3.61
N THR A 75 -20.56 -40.65 -2.85
CA THR A 75 -21.41 -39.48 -2.74
C THR A 75 -21.21 -38.93 -1.34
N VAL A 76 -20.92 -37.63 -1.24
CA VAL A 76 -20.69 -36.99 0.05
C VAL A 76 -21.54 -35.72 0.18
N HIS A 77 -21.74 -35.24 1.39
CA HIS A 77 -22.52 -34.03 1.64
C HIS A 77 -21.57 -32.90 2.02
N ILE A 78 -21.62 -31.82 1.25
CA ILE A 78 -20.76 -30.66 1.54
C ILE A 78 -21.60 -29.52 2.04
N SER A 79 -21.14 -28.87 3.11
CA SER A 79 -21.82 -27.70 3.65
C SER A 79 -20.82 -26.68 4.13
N PHE A 80 -21.22 -25.41 4.06
CA PHE A 80 -20.45 -24.34 4.69
C PHE A 80 -21.39 -23.19 5.03
N TRP A 81 -20.92 -22.34 5.93
CA TRP A 81 -21.65 -21.14 6.32
C TRP A 81 -20.95 -19.93 5.69
N ALA A 82 -21.73 -18.96 5.22
CA ALA A 82 -21.17 -17.72 4.64
C ALA A 82 -21.89 -16.50 5.17
N MET A 83 -21.21 -15.38 5.09
CA MET A 83 -21.74 -14.10 5.59
C MET A 83 -20.97 -12.98 4.89
N TYR A 84 -21.65 -11.87 4.64
CA TYR A 84 -20.95 -10.66 4.18
C TYR A 84 -21.55 -9.50 4.97
N ASP A 85 -20.78 -8.46 5.15
CA ASP A 85 -21.23 -7.36 6.03
C ASP A 85 -21.03 -5.96 5.49
N GLU A 86 -20.86 -5.81 4.16
CA GLU A 86 -20.76 -4.49 3.53
C GLU A 86 -21.38 -4.47 2.14
N GLY A 87 -21.82 -3.31 1.70
CA GLY A 87 -22.42 -3.18 0.36
C GLY A 87 -23.93 -3.41 0.30
N PRO A 88 -24.40 -4.31 -0.59
CA PRO A 88 -25.82 -4.41 -0.84
C PRO A 88 -26.65 -5.08 0.28
N ALA A 89 -27.97 -4.83 0.27
CA ALA A 89 -28.85 -5.37 1.33
C ALA A 89 -28.92 -6.91 1.28
N THR A 90 -28.88 -7.45 0.07
CA THR A 90 -28.81 -8.89 -0.18
C THR A 90 -27.79 -9.19 -1.27
N GLN A 91 -27.24 -10.41 -1.26
CA GLN A 91 -26.33 -10.82 -2.29
C GLN A 91 -26.33 -12.37 -2.33
N VAL A 92 -26.24 -12.92 -3.53
CA VAL A 92 -26.13 -14.37 -3.69
C VAL A 92 -24.68 -14.82 -3.54
N ILE A 93 -24.50 -15.95 -2.84
CA ILE A 93 -23.21 -16.64 -2.80
C ILE A 93 -23.44 -18.07 -3.32
N ASN A 94 -22.50 -18.55 -4.11
CA ASN A 94 -22.59 -19.90 -4.64
C ASN A 94 -21.50 -20.76 -4.04
N GLY A 95 -21.76 -22.06 -3.94
CA GLY A 95 -20.72 -23.06 -3.63
C GLY A 95 -20.53 -23.92 -4.86
N SER A 96 -19.28 -24.13 -5.24
CA SER A 96 -18.92 -24.72 -6.50
C SER A 96 -17.75 -25.70 -6.35
N LEU A 97 -17.59 -26.55 -7.38
CA LEU A 97 -16.46 -27.42 -7.49
C LEU A 97 -15.64 -27.08 -8.71
N GLU A 98 -14.32 -27.14 -8.56
CA GLU A 98 -13.38 -27.09 -9.62
C GLU A 98 -12.75 -28.48 -9.73
N LYS A 99 -12.83 -29.08 -10.92
CA LYS A 99 -12.31 -30.44 -11.17
C LYS A 99 -11.24 -30.49 -12.22
N GLU A 100 -10.22 -31.29 -11.93
CA GLU A 100 -9.08 -31.50 -12.82
C GLU A 100 -8.98 -33.00 -13.08
N PHE A 101 -8.71 -33.36 -14.35
CA PHE A 101 -8.54 -34.73 -14.75
C PHE A 101 -7.18 -34.92 -15.42
N ASN A 102 -6.50 -36.02 -15.09
CA ASN A 102 -5.22 -36.39 -15.71
C ASN A 102 -4.18 -35.28 -15.60
N ARG A 103 -4.27 -34.48 -14.54
CA ARG A 103 -3.35 -33.32 -14.32
C ARG A 103 -3.34 -32.30 -15.49
N ASP A 104 -4.43 -32.24 -16.26
CA ASP A 104 -4.61 -31.27 -17.33
C ASP A 104 -5.19 -29.98 -16.78
N THR A 105 -4.31 -29.02 -16.56
CA THR A 105 -4.73 -27.74 -15.99
C THR A 105 -5.37 -26.74 -16.95
N ALA A 106 -5.36 -27.01 -18.26
CA ALA A 106 -6.05 -26.16 -19.23
C ALA A 106 -7.51 -26.52 -19.45
N ASN A 107 -7.93 -27.66 -18.93
CA ASN A 107 -9.28 -28.12 -19.18
C ASN A 107 -9.89 -28.46 -17.84
N LEU A 108 -9.92 -27.48 -16.95
CA LEU A 108 -10.64 -27.62 -15.68
C LEU A 108 -12.15 -27.52 -15.91
N GLU A 109 -12.91 -28.20 -15.07
CA GLU A 109 -14.34 -28.16 -15.10
C GLU A 109 -14.86 -27.49 -13.84
N TYR A 110 -15.98 -26.82 -13.97
CA TYR A 110 -16.59 -26.10 -12.87
C TYR A 110 -18.06 -26.47 -12.78
N ALA A 111 -18.54 -26.71 -11.57
CA ALA A 111 -19.91 -27.08 -11.36
C ALA A 111 -20.42 -26.49 -10.07
N MET A 112 -21.50 -25.75 -10.16
CA MET A 112 -22.09 -25.15 -8.97
C MET A 112 -22.92 -26.18 -8.27
N PHE A 113 -22.71 -26.36 -6.97
CA PHE A 113 -23.51 -27.35 -6.24
C PHE A 113 -24.63 -26.73 -5.44
N ALA A 114 -24.53 -25.43 -5.11
CA ALA A 114 -25.55 -24.81 -4.28
C ALA A 114 -25.43 -23.30 -4.37
N SER A 115 -26.53 -22.60 -4.09
CA SER A 115 -26.51 -21.13 -4.11
C SER A 115 -27.62 -20.64 -3.17
N THR A 116 -27.39 -19.56 -2.45
CA THR A 116 -28.46 -18.99 -1.63
C THR A 116 -28.33 -17.47 -1.59
N THR A 117 -29.44 -16.82 -1.31
CA THR A 117 -29.41 -15.38 -1.11
C THR A 117 -29.12 -15.12 0.33
N LEU A 118 -28.08 -14.34 0.62
CA LEU A 118 -27.79 -13.92 1.98
C LEU A 118 -28.29 -12.50 2.22
N ASN A 119 -28.65 -12.24 3.47
CA ASN A 119 -28.93 -10.89 3.94
C ASN A 119 -27.68 -10.34 4.55
N LYS A 120 -27.39 -9.08 4.26
CA LYS A 120 -26.22 -8.46 4.86
C LYS A 120 -26.14 -8.70 6.39
N GLY A 121 -25.01 -9.20 6.86
CA GLY A 121 -24.72 -9.38 8.29
C GLY A 121 -25.14 -10.72 8.92
N GLN A 122 -25.88 -11.53 8.19
CA GLN A 122 -26.41 -12.78 8.75
C GLN A 122 -25.77 -14.02 8.09
N TRP A 123 -25.32 -14.94 8.93
CA TRP A 123 -24.72 -16.20 8.46
C TRP A 123 -25.81 -17.09 7.87
N LYS A 124 -25.50 -17.75 6.74
CA LYS A 124 -26.41 -18.70 6.13
C LYS A 124 -25.67 -19.92 5.60
N LYS A 125 -26.33 -21.08 5.66
CA LYS A 125 -25.71 -22.37 5.27
C LYS A 125 -25.94 -22.67 3.81
N ILE A 126 -24.88 -23.09 3.11
CA ILE A 126 -24.91 -23.43 1.73
C ILE A 126 -24.50 -24.93 1.67
N GLU A 127 -25.32 -25.79 1.09
CA GLU A 127 -25.05 -27.22 1.15
C GLU A 127 -25.64 -28.02 -0.01
N ALA A 128 -25.06 -29.18 -0.25
CA ALA A 128 -25.65 -30.13 -1.22
C ALA A 128 -24.91 -31.44 -1.15
N ASP A 129 -25.54 -32.49 -1.66
CA ASP A 129 -24.78 -33.72 -1.97
C ASP A 129 -24.01 -33.53 -3.26
N ILE A 130 -22.78 -34.05 -3.27
CA ILE A 130 -21.97 -34.09 -4.50
C ILE A 130 -21.39 -35.48 -4.75
N ILE A 131 -21.05 -35.73 -6.01
CA ILE A 131 -20.46 -36.99 -6.42
C ILE A 131 -18.95 -36.81 -6.59
N VAL A 132 -18.16 -37.73 -6.05
CA VAL A 132 -16.72 -37.76 -6.24
C VAL A 132 -16.45 -38.74 -7.40
N PRO A 133 -15.88 -38.24 -8.52
CA PRO A 133 -15.69 -39.14 -9.67
C PRO A 133 -14.77 -40.31 -9.37
N ALA A 134 -14.98 -41.42 -10.08
CA ALA A 134 -14.23 -42.67 -9.83
C ALA A 134 -12.77 -42.55 -10.25
N GLU A 135 -11.95 -43.41 -9.69
CA GLU A 135 -10.54 -43.48 -10.08
C GLU A 135 -10.33 -43.57 -11.59
N SER A 136 -11.15 -44.37 -12.27
CA SER A 136 -10.96 -44.62 -13.68
C SER A 136 -11.22 -43.43 -14.56
N THR A 137 -11.77 -42.34 -14.00
CA THR A 137 -11.90 -41.10 -14.76
C THR A 137 -10.56 -40.37 -14.93
N GLY A 138 -9.57 -40.71 -14.11
CA GLY A 138 -8.31 -39.95 -14.07
C GLY A 138 -8.42 -38.67 -13.25
N ILE A 139 -9.51 -38.49 -12.53
CA ILE A 139 -9.65 -37.29 -11.66
C ILE A 139 -8.41 -37.14 -10.81
N SER A 140 -7.88 -35.91 -10.79
CA SER A 140 -6.64 -35.60 -10.12
C SER A 140 -6.76 -34.38 -9.19
N GLY A 141 -7.91 -33.73 -9.22
CA GLY A 141 -8.19 -32.61 -8.32
C GLY A 141 -9.67 -32.37 -8.23
N LEU A 142 -10.10 -32.02 -7.02
CA LEU A 142 -11.50 -31.67 -6.78
C LEU A 142 -11.49 -30.68 -5.64
N ARG A 143 -11.77 -29.42 -5.96
CA ARG A 143 -11.63 -28.34 -5.01
C ARG A 143 -12.97 -27.65 -4.81
N MET A 144 -13.30 -27.38 -3.56
CA MET A 144 -14.53 -26.63 -3.32
C MET A 144 -14.19 -25.16 -3.20
N TYR A 145 -15.08 -24.30 -3.66
CA TYR A 145 -14.86 -22.87 -3.58
C TYR A 145 -16.20 -22.14 -3.49
N ALA A 146 -16.15 -20.92 -2.96
CA ALA A 146 -17.30 -20.01 -2.89
C ALA A 146 -17.03 -18.81 -3.79
N GLU A 147 -18.09 -18.27 -4.36
CA GLU A 147 -17.99 -17.16 -5.30
C GLU A 147 -19.32 -16.43 -5.36
N THR A 148 -19.36 -15.32 -6.10
CA THR A 148 -20.63 -14.68 -6.43
C THR A 148 -21.02 -15.03 -7.87
N PRO A 149 -22.29 -14.83 -8.24
CA PRO A 149 -22.71 -15.31 -9.56
C PRO A 149 -21.94 -14.69 -10.70
N TRP A 150 -21.63 -15.50 -11.71
CA TRP A 150 -20.79 -15.09 -12.85
C TRP A 150 -21.30 -13.87 -13.62
N LYS A 151 -20.36 -12.97 -13.91
CA LYS A 151 -20.56 -11.88 -14.85
C LYS A 151 -19.26 -11.72 -15.62
N GLN A 152 -19.36 -11.37 -16.89
CA GLN A 152 -18.14 -11.14 -17.66
C GLN A 152 -17.38 -9.94 -17.09
N SER A 153 -16.06 -9.92 -17.31
CA SER A 153 -15.18 -8.93 -16.66
C SER A 153 -15.64 -7.49 -16.92
N SER A 154 -16.11 -7.22 -18.13
CA SER A 154 -16.58 -5.87 -18.50
C SER A 154 -17.86 -5.44 -17.75
N GLU A 155 -18.66 -6.41 -17.32
CA GLU A 155 -19.95 -6.15 -16.68
C GLU A 155 -19.91 -6.25 -15.13
N VAL A 156 -18.73 -6.51 -14.56
CA VAL A 156 -18.61 -6.67 -13.10
C VAL A 156 -18.81 -5.33 -12.41
N THR A 157 -19.58 -5.33 -11.31
CA THR A 157 -19.80 -4.12 -10.50
C THR A 157 -19.28 -4.32 -9.08
N GLU A 158 -19.30 -3.23 -8.32
CA GLU A 158 -18.85 -3.28 -6.92
C GLU A 158 -19.60 -4.27 -6.05
N THR A 159 -20.91 -4.40 -6.25
CA THR A 159 -21.70 -5.34 -5.45
C THR A 159 -21.29 -6.79 -5.75
N ASP A 160 -20.82 -7.06 -6.96
CA ASP A 160 -20.40 -8.40 -7.32
C ASP A 160 -19.09 -8.82 -6.63
N THR A 161 -18.27 -7.84 -6.24
CA THR A 161 -16.95 -8.14 -5.72
C THR A 161 -16.78 -7.82 -4.23
N ILE A 162 -17.89 -7.81 -3.49
CA ILE A 162 -17.86 -7.62 -2.04
C ILE A 162 -16.97 -8.64 -1.36
N PRO A 163 -16.27 -8.24 -0.30
CA PRO A 163 -15.65 -9.24 0.55
C PRO A 163 -16.66 -10.09 1.30
N PHE A 164 -16.28 -11.30 1.60
CA PHE A 164 -17.18 -12.19 2.38
C PHE A 164 -16.41 -13.22 3.20
N TYR A 165 -17.10 -13.79 4.18
CA TYR A 165 -16.53 -14.75 5.12
C TYR A 165 -17.14 -16.12 4.87
N VAL A 166 -16.32 -17.15 5.06
CA VAL A 166 -16.81 -18.52 5.16
C VAL A 166 -16.34 -19.16 6.49
N ASP A 167 -17.12 -20.11 6.96
CA ASP A 167 -16.84 -20.79 8.21
C ASP A 167 -17.53 -22.17 8.24
N ASP A 168 -17.09 -23.02 9.14
CA ASP A 168 -17.72 -24.33 9.41
C ASP A 168 -17.93 -25.09 8.13
N VAL A 169 -16.84 -25.24 7.37
CA VAL A 169 -16.85 -25.98 6.13
C VAL A 169 -16.76 -27.45 6.52
N GLN A 170 -17.67 -28.26 6.02
CA GLN A 170 -17.74 -29.66 6.44
C GLN A 170 -18.13 -30.56 5.28
N ILE A 171 -17.48 -31.72 5.19
CA ILE A 171 -17.87 -32.75 4.26
C ILE A 171 -18.16 -34.02 5.06
N THR A 172 -19.33 -34.62 4.86
CA THR A 172 -19.75 -35.82 5.61
C THR A 172 -20.14 -36.94 4.66
N ALA A 173 -19.92 -38.17 5.12
CA ALA A 173 -20.33 -39.35 4.35
C ALA A 173 -21.86 -39.42 4.27
N THR A 174 -22.38 -40.08 3.24
CA THR A 174 -23.82 -40.28 3.10
C THR A 174 -24.17 -41.77 3.27
N ALA B 14 -24.73 5.32 -8.45
CA ALA B 14 -23.66 6.01 -7.61
C ALA B 14 -24.12 7.34 -7.12
N LEU B 15 -23.79 7.65 -5.85
CA LEU B 15 -24.07 8.95 -5.26
C LEU B 15 -22.99 9.98 -5.57
N PHE B 16 -21.75 9.49 -5.75
CA PHE B 16 -20.60 10.33 -6.06
C PHE B 16 -19.62 9.48 -6.87
N LYS B 17 -19.04 10.06 -7.93
CA LYS B 17 -18.03 9.36 -8.73
C LYS B 17 -16.98 10.39 -9.16
N ALA B 18 -15.71 10.01 -9.05
CA ALA B 18 -14.64 10.79 -9.61
C ALA B 18 -13.64 9.89 -10.34
N ASP B 19 -13.52 10.08 -11.67
CA ASP B 19 -12.56 9.31 -12.47
C ASP B 19 -11.46 10.18 -13.07
N PHE B 20 -11.58 11.50 -12.90
CA PHE B 20 -10.60 12.51 -13.32
C PHE B 20 -10.36 12.60 -14.83
N GLU B 21 -11.23 11.97 -15.60
CA GLU B 21 -11.00 11.87 -17.05
C GLU B 21 -11.27 13.20 -17.77
N ASP B 22 -12.03 14.08 -17.13
CA ASP B 22 -12.20 15.45 -17.62
C ASP B 22 -11.01 16.38 -17.32
N GLY B 23 -10.02 15.90 -16.57
CA GLY B 23 -8.83 16.68 -16.21
C GLY B 23 -9.04 17.69 -15.11
N ASN B 24 -10.21 17.65 -14.48
CA ASN B 24 -10.59 18.64 -13.49
C ASN B 24 -10.32 18.17 -12.06
N ILE B 25 -9.73 19.07 -11.29
CA ILE B 25 -9.51 18.85 -9.85
C ILE B 25 -10.80 18.94 -9.05
N GLY B 26 -11.81 19.62 -9.60
CA GLY B 26 -13.08 19.79 -8.90
C GLY B 26 -12.89 20.38 -7.51
N ASN B 27 -13.55 19.77 -6.53
CA ASN B 27 -13.45 20.21 -5.15
C ASN B 27 -12.44 19.47 -4.31
N TRP B 28 -11.57 18.67 -4.96
CA TRP B 28 -10.49 18.02 -4.25
C TRP B 28 -9.44 19.06 -3.77
N ARG B 29 -8.95 18.86 -2.56
CA ARG B 29 -7.99 19.76 -1.94
C ARG B 29 -6.98 19.01 -1.05
N ALA B 30 -5.85 19.67 -0.83
CA ALA B 30 -4.87 19.26 0.17
C ALA B 30 -5.36 19.50 1.57
N ARG B 31 -4.74 18.78 2.51
CA ARG B 31 -5.04 18.93 3.95
C ARG B 31 -4.01 19.80 4.66
N GLY B 32 -2.81 19.89 4.11
CA GLY B 32 -1.78 20.75 4.68
C GLY B 32 -1.04 21.47 3.59
N THR B 33 0.26 21.28 3.54
CA THR B 33 1.14 21.97 2.60
C THR B 33 1.47 21.19 1.33
N GLU B 34 0.80 20.06 1.11
CA GLU B 34 1.07 19.15 -0.03
C GLU B 34 0.40 19.67 -1.34
N LYS B 35 0.73 19.04 -2.44
CA LYS B 35 0.31 19.46 -3.75
C LYS B 35 -0.53 18.39 -4.41
N LEU B 36 -1.67 18.83 -4.95
CA LEU B 36 -2.52 17.96 -5.77
C LEU B 36 -2.46 18.34 -7.22
N GLU B 37 -2.45 17.33 -8.09
CA GLU B 37 -2.48 17.57 -9.54
C GLU B 37 -3.21 16.46 -10.26
N VAL B 38 -4.07 16.79 -11.21
CA VAL B 38 -4.63 15.74 -12.05
C VAL B 38 -3.63 15.49 -13.14
N VAL B 39 -3.12 14.27 -13.23
CA VAL B 39 -2.07 13.96 -14.18
C VAL B 39 -2.65 13.19 -15.34
N SER B 40 -1.93 13.24 -16.48
CA SER B 40 -2.30 12.39 -17.58
C SER B 40 -1.17 11.44 -17.91
N GLY B 41 -1.55 10.28 -18.42
CA GLY B 41 -0.62 9.18 -18.65
C GLY B 41 -0.51 8.14 -17.54
N ILE B 42 -1.21 8.37 -16.43
CA ILE B 42 -1.23 7.48 -15.27
C ILE B 42 -2.68 7.45 -14.79
N GLY B 43 -3.26 6.25 -14.73
CA GLY B 43 -4.63 6.08 -14.24
C GLY B 43 -4.96 4.63 -14.03
N HIS B 44 -6.04 4.35 -13.31
CA HIS B 44 -6.52 2.97 -13.16
C HIS B 44 -7.32 2.63 -14.42
N ASN B 45 -6.75 1.77 -15.28
CA ASN B 45 -7.38 1.44 -16.57
C ASN B 45 -7.96 2.70 -17.25
N SER B 46 -7.16 3.75 -17.27
CA SER B 46 -7.58 5.06 -17.78
C SER B 46 -6.36 5.95 -17.86
N ASN B 47 -6.53 7.12 -18.46
CA ASN B 47 -5.41 7.99 -18.72
C ASN B 47 -5.20 9.04 -17.67
N ARG B 48 -6.16 9.24 -16.75
CA ARG B 48 -5.99 10.32 -15.79
C ARG B 48 -6.29 9.90 -14.36
N SER B 49 -5.60 10.56 -13.42
CA SER B 49 -5.81 10.29 -12.00
C SER B 49 -5.35 11.47 -11.18
N LEU B 50 -5.59 11.41 -9.87
CA LEU B 50 -5.20 12.50 -8.99
C LEU B 50 -3.93 12.14 -8.24
N LYS B 51 -2.85 12.89 -8.49
CA LYS B 51 -1.57 12.68 -7.78
C LYS B 51 -1.39 13.66 -6.63
N THR B 52 -0.98 13.12 -5.48
CA THR B 52 -0.63 13.92 -4.31
C THR B 52 0.86 13.75 -4.07
N SER B 53 1.56 14.87 -4.00
CA SER B 53 3.00 14.87 -3.82
C SER B 53 3.37 16.01 -2.92
N SER B 54 4.67 16.18 -2.72
CA SER B 54 5.13 17.17 -1.72
C SER B 54 4.51 16.94 -0.35
N ARG B 55 4.24 15.68 0.00
CA ARG B 55 3.77 15.33 1.34
C ARG B 55 4.93 15.40 2.38
N SER B 56 4.68 15.99 3.53
CA SER B 56 5.64 15.98 4.62
C SER B 56 5.03 15.63 5.97
N GLU B 57 3.80 15.10 5.96
CA GLU B 57 3.18 14.47 7.10
C GLU B 57 2.41 13.25 6.58
N THR B 58 2.15 12.26 7.46
CA THR B 58 1.43 11.06 7.08
C THR B 58 0.01 11.40 6.67
N TYR B 59 -0.52 12.46 7.27
CA TYR B 59 -1.91 12.85 7.07
C TYR B 59 -2.11 13.82 5.89
N HIS B 60 -1.05 14.20 5.19
CA HIS B 60 -1.19 14.82 3.88
C HIS B 60 -1.73 13.78 2.89
N GLY B 61 -2.76 14.19 2.17
CA GLY B 61 -3.37 13.33 1.18
C GLY B 61 -4.52 14.07 0.55
N PRO B 62 -5.07 13.50 -0.52
CA PRO B 62 -6.16 14.16 -1.23
C PRO B 62 -7.49 14.05 -0.49
N LEU B 63 -8.23 15.12 -0.43
CA LEU B 63 -9.45 15.19 0.35
C LEU B 63 -10.59 15.83 -0.43
N VAL B 64 -11.79 15.31 -0.21
CA VAL B 64 -12.97 15.93 -0.84
C VAL B 64 -14.19 15.88 0.08
N GLU B 65 -14.94 16.98 0.14
CA GLU B 65 -16.16 17.06 0.94
C GLU B 65 -17.24 16.23 0.28
N VAL B 66 -17.86 15.27 1.02
CA VAL B 66 -18.91 14.46 0.42
C VAL B 66 -20.27 14.54 1.09
N LEU B 67 -20.35 15.21 2.23
CA LEU B 67 -21.64 15.29 2.96
C LEU B 67 -22.81 15.75 2.07
N PRO B 68 -22.64 16.76 1.19
CA PRO B 68 -23.76 17.19 0.33
C PRO B 68 -24.32 16.14 -0.63
N TYR B 69 -23.53 15.13 -0.96
CA TYR B 69 -23.97 14.08 -1.83
C TYR B 69 -24.79 12.99 -1.12
N LEU B 70 -24.87 13.05 0.20
CA LEU B 70 -25.31 11.93 1.03
C LEU B 70 -26.48 12.28 1.92
N GLN B 71 -27.27 11.27 2.29
CA GLN B 71 -28.35 11.48 3.29
C GLN B 71 -27.79 11.20 4.70
N LYS B 72 -27.98 12.15 5.61
CA LYS B 72 -27.62 11.99 7.02
C LYS B 72 -28.42 10.85 7.64
N GLY B 73 -27.72 10.02 8.41
CA GLY B 73 -28.34 8.81 8.98
C GLY B 73 -28.22 7.52 8.18
N SER B 74 -27.75 7.59 6.95
CA SER B 74 -27.72 6.46 6.06
C SER B 74 -26.39 5.73 6.21
N THR B 75 -26.34 4.55 5.63
CA THR B 75 -25.08 3.81 5.46
C THR B 75 -24.77 3.78 3.95
N VAL B 76 -23.55 4.12 3.59
CA VAL B 76 -23.13 4.11 2.19
C VAL B 76 -21.84 3.32 2.04
N HIS B 77 -21.54 2.91 0.81
CA HIS B 77 -20.33 2.17 0.49
C HIS B 77 -19.36 3.06 -0.24
N ILE B 78 -18.14 3.21 0.30
CA ILE B 78 -17.15 4.07 -0.35
C ILE B 78 -16.01 3.23 -0.84
N SER B 79 -15.54 3.48 -2.07
CA SER B 79 -14.37 2.77 -2.64
C SER B 79 -13.53 3.74 -3.45
N PHE B 80 -12.24 3.46 -3.50
CA PHE B 80 -11.36 4.14 -4.44
C PHE B 80 -10.17 3.21 -4.74
N TRP B 81 -9.49 3.52 -5.84
CA TRP B 81 -8.28 2.81 -6.22
C TRP B 81 -7.05 3.69 -5.96
N ALA B 82 -5.96 3.07 -5.49
CA ALA B 82 -4.72 3.81 -5.21
C ALA B 82 -3.53 3.08 -5.77
N MET B 83 -2.46 3.84 -6.00
CA MET B 83 -1.19 3.28 -6.50
C MET B 83 -0.06 4.24 -6.16
N TYR B 84 1.13 3.69 -5.88
CA TYR B 84 2.31 4.51 -5.69
C TYR B 84 3.42 3.80 -6.47
N ASP B 85 4.40 4.54 -6.93
CA ASP B 85 5.39 3.96 -7.82
C ASP B 85 6.84 4.39 -7.50
N GLU B 86 7.09 4.84 -6.27
CA GLU B 86 8.46 5.11 -5.82
C GLU B 86 8.65 4.78 -4.33
N GLY B 87 9.88 4.48 -3.94
CA GLY B 87 10.19 4.17 -2.54
C GLY B 87 10.10 2.69 -2.14
N PRO B 88 9.36 2.36 -1.07
CA PRO B 88 9.39 1.02 -0.52
C PRO B 88 8.65 -0.04 -1.35
N ALA B 89 8.97 -1.31 -1.10
CA ALA B 89 8.44 -2.41 -1.90
C ALA B 89 6.92 -2.56 -1.66
N THR B 90 6.50 -2.31 -0.43
CA THR B 90 5.09 -2.25 -0.04
C THR B 90 4.81 -1.06 0.87
N GLN B 91 3.56 -0.60 0.86
CA GLN B 91 3.20 0.48 1.75
C GLN B 91 1.69 0.42 1.96
N VAL B 92 1.27 0.70 3.19
CA VAL B 92 -0.14 0.77 3.51
C VAL B 92 -0.69 2.15 3.09
N ILE B 93 -1.89 2.14 2.51
CA ILE B 93 -2.67 3.38 2.29
C ILE B 93 -4.00 3.22 3.01
N ASN B 94 -4.44 4.29 3.65
CA ASN B 94 -5.70 4.26 4.39
C ASN B 94 -6.70 5.14 3.66
N GLY B 95 -7.97 4.80 3.79
CA GLY B 95 -9.04 5.70 3.47
C GLY B 95 -9.66 6.13 4.79
N SER B 96 -9.88 7.43 4.92
CA SER B 96 -10.30 8.06 6.15
C SER B 96 -11.36 9.13 5.92
N LEU B 97 -12.05 9.46 7.03
CA LEU B 97 -13.01 10.54 7.05
C LEU B 97 -12.56 11.63 7.98
N GLU B 98 -12.77 12.89 7.55
CA GLU B 98 -12.66 14.07 8.40
C GLU B 98 -14.05 14.62 8.64
N LYS B 99 -14.43 14.75 9.88
CA LYS B 99 -15.78 15.21 10.25
C LYS B 99 -15.76 16.51 11.04
N GLU B 100 -16.69 17.39 10.69
CA GLU B 100 -16.95 18.67 11.39
C GLU B 100 -18.39 18.65 11.92
N PHE B 101 -18.56 19.19 13.14
CA PHE B 101 -19.84 19.27 13.80
C PHE B 101 -20.10 20.72 14.19
N ASN B 102 -21.33 21.14 14.01
CA ASN B 102 -21.79 22.48 14.41
C ASN B 102 -20.92 23.61 13.84
N ARG B 103 -20.32 23.39 12.66
CA ARG B 103 -19.41 24.36 12.04
C ARG B 103 -18.18 24.74 12.89
N ASP B 104 -17.79 23.86 13.81
CA ASP B 104 -16.64 24.12 14.66
C ASP B 104 -15.36 23.58 14.01
N THR B 105 -14.60 24.46 13.37
CA THR B 105 -13.41 24.05 12.63
C THR B 105 -12.17 23.81 13.53
N ALA B 106 -12.28 24.15 14.81
CA ALA B 106 -11.19 23.90 15.78
C ALA B 106 -11.32 22.55 16.50
N ASN B 107 -12.36 21.78 16.17
CA ASN B 107 -12.63 20.52 16.84
C ASN B 107 -13.05 19.43 15.86
N LEU B 108 -12.23 19.21 14.84
CA LEU B 108 -12.51 18.20 13.83
C LEU B 108 -12.18 16.80 14.35
N GLU B 109 -12.87 15.80 13.80
CA GLU B 109 -12.61 14.42 14.09
C GLU B 109 -12.11 13.70 12.88
N TYR B 110 -11.39 12.62 13.11
CA TYR B 110 -10.80 11.81 12.04
C TYR B 110 -11.00 10.34 12.32
N ALA B 111 -11.36 9.57 11.31
CA ALA B 111 -11.58 8.12 11.48
C ALA B 111 -11.17 7.38 10.22
N MET B 112 -10.37 6.34 10.40
CA MET B 112 -9.99 5.49 9.28
C MET B 112 -11.10 4.51 9.00
N PHE B 113 -11.53 4.42 7.74
CA PHE B 113 -12.55 3.44 7.38
C PHE B 113 -12.03 2.18 6.70
N ALA B 114 -10.85 2.24 6.10
CA ALA B 114 -10.29 1.08 5.41
C ALA B 114 -8.83 1.28 5.18
N SER B 115 -8.15 0.17 4.94
CA SER B 115 -6.72 0.19 4.77
C SER B 115 -6.36 -0.99 3.91
N THR B 116 -5.38 -0.85 3.03
CA THR B 116 -4.82 -2.05 2.39
C THR B 116 -3.32 -1.89 2.22
N THR B 117 -2.63 -3.02 2.08
CA THR B 117 -1.21 -2.97 1.74
C THR B 117 -1.09 -3.00 0.24
N LEU B 118 -0.43 -2.00 -0.32
CA LEU B 118 -0.19 -1.94 -1.75
C LEU B 118 1.21 -2.39 -2.07
N ASN B 119 1.36 -2.99 -3.23
CA ASN B 119 2.67 -3.31 -3.79
C ASN B 119 3.07 -2.16 -4.71
N LYS B 120 4.32 -1.74 -4.63
CA LYS B 120 4.81 -0.67 -5.50
C LYS B 120 4.42 -0.91 -6.97
N GLY B 121 3.79 0.08 -7.59
CA GLY B 121 3.42 0.03 -9.02
C GLY B 121 2.06 -0.59 -9.37
N GLN B 122 1.36 -1.16 -8.39
CA GLN B 122 0.11 -1.88 -8.65
C GLN B 122 -1.08 -1.17 -8.04
N TRP B 123 -2.11 -0.93 -8.86
CA TRP B 123 -3.39 -0.35 -8.38
C TRP B 123 -4.16 -1.33 -7.51
N LYS B 124 -4.75 -0.84 -6.42
CA LYS B 124 -5.51 -1.68 -5.53
C LYS B 124 -6.68 -0.87 -4.97
N LYS B 125 -7.79 -1.57 -4.74
CA LYS B 125 -9.02 -0.94 -4.26
C LYS B 125 -9.02 -0.89 -2.73
N ILE B 126 -9.47 0.25 -2.20
CA ILE B 126 -9.68 0.46 -0.79
C ILE B 126 -11.18 0.71 -0.64
N GLU B 127 -11.86 -0.03 0.24
CA GLU B 127 -13.30 0.11 0.35
C GLU B 127 -13.86 -0.28 1.71
N ALA B 128 -15.02 0.30 2.02
CA ALA B 128 -15.77 -0.07 3.21
C ALA B 128 -17.13 0.57 3.20
N ASP B 129 -18.01 0.05 4.05
CA ASP B 129 -19.23 0.79 4.41
C ASP B 129 -18.89 1.87 5.44
N ILE B 130 -19.53 3.01 5.32
CA ILE B 130 -19.45 4.03 6.35
C ILE B 130 -20.84 4.50 6.72
N ILE B 131 -20.94 4.98 7.95
CA ILE B 131 -22.17 5.55 8.46
C ILE B 131 -22.06 7.07 8.29
N VAL B 132 -23.13 7.68 7.78
CA VAL B 132 -23.29 9.13 7.75
C VAL B 132 -24.07 9.51 9.04
N PRO B 133 -23.45 10.26 9.95
CA PRO B 133 -24.13 10.64 11.20
C PRO B 133 -25.44 11.36 10.95
N ALA B 134 -26.38 11.19 11.89
CA ALA B 134 -27.73 11.76 11.76
C ALA B 134 -27.68 13.28 11.88
N GLU B 135 -28.70 13.93 11.31
CA GLU B 135 -28.90 15.37 11.46
C GLU B 135 -28.74 15.86 12.88
N SER B 136 -29.31 15.11 13.83
CA SER B 136 -29.30 15.58 15.24
C SER B 136 -27.93 15.57 15.93
N THR B 137 -26.90 15.01 15.28
CA THR B 137 -25.54 15.19 15.76
C THR B 137 -24.96 16.59 15.54
N GLY B 138 -25.56 17.38 14.67
CA GLY B 138 -25.01 18.65 14.27
C GLY B 138 -23.90 18.51 13.22
N ILE B 139 -23.72 17.29 12.67
CA ILE B 139 -22.70 17.11 11.60
C ILE B 139 -22.86 18.15 10.48
N SER B 140 -21.76 18.80 10.11
CA SER B 140 -21.74 19.89 9.13
C SER B 140 -20.70 19.71 8.05
N GLY B 141 -19.88 18.68 8.17
CA GLY B 141 -18.86 18.34 7.15
C GLY B 141 -18.48 16.88 7.29
N LEU B 142 -18.29 16.19 6.17
CA LEU B 142 -17.83 14.83 6.17
C LEU B 142 -17.02 14.66 4.88
N ARG B 143 -15.70 14.59 5.03
CA ARG B 143 -14.81 14.59 3.87
C ARG B 143 -14.05 13.30 3.83
N MET B 144 -13.96 12.70 2.67
CA MET B 144 -13.10 11.51 2.52
C MET B 144 -11.74 11.91 2.08
N TYR B 145 -10.75 11.19 2.56
CA TYR B 145 -9.37 11.43 2.19
C TYR B 145 -8.58 10.19 2.28
N ALA B 146 -7.44 10.18 1.57
CA ALA B 146 -6.50 9.07 1.63
C ALA B 146 -5.24 9.55 2.30
N GLU B 147 -4.54 8.65 2.98
CA GLU B 147 -3.34 9.02 3.76
C GLU B 147 -2.52 7.76 3.99
N THR B 148 -1.35 7.92 4.63
CA THR B 148 -0.60 6.76 5.12
C THR B 148 -0.77 6.63 6.64
N PRO B 149 -0.42 5.47 7.22
CA PRO B 149 -0.68 5.31 8.66
C PRO B 149 0.05 6.34 9.52
N TRP B 150 -0.62 6.80 10.57
CA TRP B 150 -0.11 7.82 11.46
C TRP B 150 1.24 7.46 12.10
N LYS B 151 2.14 8.45 12.11
CA LYS B 151 3.40 8.41 12.88
C LYS B 151 3.64 9.80 13.49
N GLN B 152 4.29 9.84 14.67
CA GLN B 152 4.81 11.08 15.33
C GLN B 152 5.50 11.98 14.31
N SER B 153 5.29 13.30 14.33
CA SER B 153 5.96 14.22 13.36
C SER B 153 7.49 14.06 13.38
N SER B 154 8.06 13.91 14.58
CA SER B 154 9.50 13.70 14.73
C SER B 154 9.97 12.35 14.16
N GLU B 155 9.07 11.37 14.11
CA GLU B 155 9.39 10.00 13.68
C GLU B 155 8.98 9.70 12.22
N VAL B 156 8.49 10.71 11.49
CA VAL B 156 8.08 10.52 10.09
C VAL B 156 9.31 10.30 9.23
N THR B 157 9.24 9.32 8.34
CA THR B 157 10.34 9.02 7.43
C THR B 157 9.91 9.23 5.99
N GLU B 158 10.88 9.15 5.11
CA GLU B 158 10.64 9.18 3.68
C GLU B 158 9.55 8.22 3.19
N THR B 159 9.61 6.97 3.65
CA THR B 159 8.67 5.97 3.18
C THR B 159 7.23 6.33 3.56
N ASP B 160 7.05 7.05 4.66
CA ASP B 160 5.73 7.44 5.13
C ASP B 160 5.11 8.54 4.25
N THR B 161 5.95 9.29 3.54
CA THR B 161 5.50 10.49 2.86
C THR B 161 5.64 10.37 1.33
N ILE B 162 5.66 9.15 0.82
CA ILE B 162 5.73 8.92 -0.62
C ILE B 162 4.54 9.53 -1.35
N PRO B 163 4.76 10.05 -2.58
CA PRO B 163 3.62 10.50 -3.38
C PRO B 163 2.76 9.30 -3.79
N PHE B 164 1.48 9.54 -4.04
CA PHE B 164 0.62 8.46 -4.50
C PHE B 164 -0.55 9.01 -5.32
N TYR B 165 -1.17 8.10 -6.07
CA TYR B 165 -2.27 8.42 -6.98
C TYR B 165 -3.55 7.80 -6.45
N VAL B 166 -4.68 8.47 -6.68
CA VAL B 166 -6.01 7.90 -6.47
C VAL B 166 -6.86 8.04 -7.73
N ASP B 167 -7.78 7.12 -7.93
CA ASP B 167 -8.63 7.11 -9.11
C ASP B 167 -9.94 6.36 -8.80
N ASP B 168 -10.93 6.51 -9.67
CA ASP B 168 -12.17 5.73 -9.62
C ASP B 168 -12.80 5.72 -8.21
N VAL B 169 -12.98 6.91 -7.67
CA VAL B 169 -13.55 7.12 -6.35
C VAL B 169 -15.07 7.02 -6.53
N GLN B 170 -15.71 6.19 -5.72
CA GLN B 170 -17.14 5.99 -5.85
C GLN B 170 -17.82 5.79 -4.50
N ILE B 171 -18.99 6.45 -4.34
CA ILE B 171 -19.84 6.19 -3.19
C ILE B 171 -21.21 5.70 -3.66
N THR B 172 -21.68 4.60 -3.09
CA THR B 172 -22.91 3.96 -3.55
C THR B 172 -23.86 3.76 -2.38
N ALA B 173 -25.16 3.78 -2.68
CA ALA B 173 -26.19 3.47 -1.70
C ALA B 173 -26.16 2.01 -1.32
N THR B 174 -26.56 1.73 -0.09
CA THR B 174 -26.65 0.32 0.40
C THR B 174 -28.11 -0.11 0.59
N ALA C 14 25.55 -3.03 12.09
CA ALA C 14 25.68 -2.04 10.96
C ALA C 14 27.00 -2.21 10.24
N LEU C 15 26.95 -2.15 8.91
CA LEU C 15 28.13 -2.28 8.07
C LEU C 15 28.93 -0.98 8.03
N PHE C 16 28.21 0.14 8.18
CA PHE C 16 28.79 1.48 8.19
C PHE C 16 27.93 2.36 9.07
N LYS C 17 28.55 3.20 9.91
CA LYS C 17 27.81 4.20 10.72
C LYS C 17 28.63 5.46 10.82
N ALA C 18 27.98 6.61 10.65
CA ALA C 18 28.60 7.89 10.94
C ALA C 18 27.64 8.75 11.76
N ASP C 19 28.00 9.02 13.01
CA ASP C 19 27.20 9.88 13.91
C ASP C 19 27.90 11.22 14.26
N PHE C 20 29.15 11.37 13.80
CA PHE C 20 29.93 12.59 13.91
C PHE C 20 30.25 13.00 15.35
N GLU C 21 30.00 12.10 16.28
CA GLU C 21 30.09 12.45 17.71
C GLU C 21 31.55 12.57 18.17
N ASP C 22 32.47 11.98 17.41
CA ASP C 22 33.91 12.18 17.60
C ASP C 22 34.45 13.50 17.02
N GLY C 23 33.60 14.28 16.35
CA GLY C 23 33.98 15.55 15.75
C GLY C 23 34.78 15.42 14.47
N ASN C 24 34.89 14.20 13.95
CA ASN C 24 35.75 13.93 12.79
C ASN C 24 35.00 13.90 11.47
N ILE C 25 35.58 14.57 10.49
CA ILE C 25 35.06 14.55 9.11
C ILE C 25 35.25 13.18 8.45
N GLY C 26 36.23 12.40 8.93
CA GLY C 26 36.55 11.12 8.31
C GLY C 26 36.84 11.27 6.82
N ASN C 27 36.22 10.40 6.00
CA ASN C 27 36.39 10.45 4.55
C ASN C 27 35.32 11.21 3.80
N TRP C 28 34.45 11.92 4.51
CA TRP C 28 33.44 12.73 3.84
C TRP C 28 34.06 13.88 3.08
N ARG C 29 33.53 14.15 1.89
CA ARG C 29 34.05 15.22 1.04
C ARG C 29 32.98 15.92 0.23
N ALA C 30 33.30 17.13 -0.20
CA ALA C 30 32.50 17.86 -1.17
C ALA C 30 32.54 17.23 -2.56
N ARG C 31 31.56 17.59 -3.38
CA ARG C 31 31.53 17.17 -4.78
C ARG C 31 32.01 18.26 -5.73
N GLY C 32 31.94 19.52 -5.31
CA GLY C 32 32.36 20.65 -6.14
C GLY C 32 33.10 21.66 -5.30
N THR C 33 32.60 22.88 -5.29
CA THR C 33 33.27 24.01 -4.59
C THR C 33 32.64 24.31 -3.22
N GLU C 34 31.77 23.42 -2.72
CA GLU C 34 31.09 23.64 -1.46
C GLU C 34 31.96 23.28 -0.24
N LYS C 35 31.48 23.60 0.95
CA LYS C 35 32.19 23.42 2.18
C LYS C 35 31.52 22.46 3.11
N LEU C 36 32.28 21.51 3.64
CA LEU C 36 31.84 20.60 4.69
C LEU C 36 32.48 20.89 6.05
N GLU C 37 31.68 20.80 7.10
CA GLU C 37 32.17 21.04 8.47
C GLU C 37 31.40 20.18 9.46
N VAL C 38 32.09 19.53 10.38
CA VAL C 38 31.39 18.88 11.49
C VAL C 38 31.13 19.94 12.51
N VAL C 39 29.86 20.16 12.82
CA VAL C 39 29.48 21.23 13.72
C VAL C 39 29.14 20.65 15.06
N SER C 40 29.24 21.47 16.08
CA SER C 40 28.66 21.15 17.35
C SER C 40 27.61 22.23 17.62
N GLY C 41 26.56 21.81 18.26
CA GLY C 41 25.42 22.68 18.57
C GLY C 41 24.16 22.21 17.89
N ILE C 42 24.32 21.30 16.92
CA ILE C 42 23.25 20.84 16.03
C ILE C 42 23.47 19.35 15.73
N GLY C 43 22.45 18.53 15.96
CA GLY C 43 22.51 17.10 15.62
C GLY C 43 21.16 16.41 15.76
N HIS C 44 21.08 15.19 15.24
CA HIS C 44 19.87 14.37 15.41
C HIS C 44 19.96 13.70 16.77
N ASN C 45 19.13 14.15 17.73
CA ASN C 45 19.22 13.66 19.11
C ASN C 45 20.67 13.54 19.58
N SER C 46 21.46 14.56 19.30
CA SER C 46 22.89 14.58 19.57
C SER C 46 23.39 16.00 19.30
N ASN C 47 24.64 16.29 19.66
CA ASN C 47 25.15 17.63 19.58
C ASN C 47 26.09 17.78 18.40
N ARG C 48 26.33 16.72 17.59
CA ARG C 48 27.17 16.92 16.39
C ARG C 48 26.59 16.33 15.10
N SER C 49 26.89 16.99 13.99
CA SER C 49 26.44 16.55 12.68
C SER C 49 27.29 17.18 11.60
N LEU C 50 27.05 16.78 10.36
CA LEU C 50 27.83 17.27 9.24
C LEU C 50 27.07 18.32 8.45
N LYS C 51 27.58 19.53 8.45
CA LYS C 51 26.97 20.62 7.71
C LYS C 51 27.61 20.86 6.38
N THR C 52 26.78 21.04 5.34
CA THR C 52 27.26 21.39 4.01
C THR C 52 26.74 22.77 3.65
N SER C 53 27.66 23.69 3.29
CA SER C 53 27.28 25.07 3.03
C SER C 53 28.10 25.58 1.87
N SER C 54 27.96 26.86 1.54
CA SER C 54 28.59 27.39 0.34
C SER C 54 28.25 26.56 -0.90
N ARG C 55 27.03 26.02 -0.94
CA ARG C 55 26.55 25.33 -2.13
C ARG C 55 26.14 26.35 -3.21
N SER C 56 26.53 26.11 -4.45
CA SER C 56 26.15 26.98 -5.54
C SER C 56 25.61 26.19 -6.74
N GLU C 57 25.47 24.88 -6.56
CA GLU C 57 24.85 23.97 -7.51
C GLU C 57 23.99 22.98 -6.71
N THR C 58 22.94 22.47 -7.35
CA THR C 58 22.01 21.59 -6.64
C THR C 58 22.70 20.26 -6.28
N TYR C 59 23.70 19.89 -7.07
CA TYR C 59 24.44 18.63 -6.86
C TYR C 59 25.63 18.73 -5.90
N HIS C 60 25.87 19.91 -5.34
CA HIS C 60 26.72 20.05 -4.20
C HIS C 60 26.06 19.47 -2.96
N GLY C 61 26.83 18.68 -2.22
CA GLY C 61 26.35 18.02 -1.03
C GLY C 61 27.39 17.07 -0.50
N PRO C 62 27.16 16.54 0.70
CA PRO C 62 28.18 15.67 1.33
C PRO C 62 28.21 14.27 0.73
N LEU C 63 29.42 13.77 0.52
CA LEU C 63 29.62 12.49 -0.11
C LEU C 63 30.62 11.64 0.66
N VAL C 64 30.39 10.33 0.67
CA VAL C 64 31.37 9.41 1.24
C VAL C 64 31.44 8.09 0.48
N GLU C 65 32.67 7.58 0.30
CA GLU C 65 32.89 6.27 -0.34
C GLU C 65 32.48 5.10 0.60
N VAL C 66 31.61 4.21 0.14
CA VAL C 66 31.16 3.12 0.99
C VAL C 66 31.46 1.73 0.44
N LEU C 67 31.95 1.62 -0.80
CA LEU C 67 32.17 0.30 -1.39
C LEU C 67 33.00 -0.64 -0.51
N PRO C 68 34.07 -0.13 0.14
CA PRO C 68 34.92 -1.06 0.94
C PRO C 68 34.23 -1.73 2.13
N TYR C 69 33.14 -1.12 2.60
CA TYR C 69 32.37 -1.62 3.71
C TYR C 69 31.41 -2.74 3.32
N LEU C 70 31.25 -2.97 2.02
CA LEU C 70 30.13 -3.78 1.50
C LEU C 70 30.59 -5.01 0.73
N GLN C 71 29.74 -6.05 0.69
CA GLN C 71 29.98 -7.18 -0.21
C GLN C 71 29.40 -6.85 -1.60
N LYS C 72 30.24 -6.93 -2.62
CA LYS C 72 29.74 -6.80 -4.00
C LYS C 72 28.72 -7.90 -4.30
N GLY C 73 27.66 -7.50 -5.00
CA GLY C 73 26.56 -8.41 -5.34
C GLY C 73 25.60 -8.65 -4.19
N SER C 74 25.56 -7.76 -3.19
CA SER C 74 24.61 -7.86 -2.11
C SER C 74 23.59 -6.74 -2.22
N THR C 75 22.51 -6.87 -1.44
CA THR C 75 21.56 -5.79 -1.25
C THR C 75 21.70 -5.30 0.19
N VAL C 76 21.80 -4.00 0.37
CA VAL C 76 21.94 -3.40 1.68
C VAL C 76 20.93 -2.29 1.86
N HIS C 77 20.67 -1.92 3.11
CA HIS C 77 19.76 -0.81 3.42
C HIS C 77 20.55 0.40 3.85
N ILE C 78 20.38 1.52 3.15
CA ILE C 78 21.06 2.77 3.50
C ILE C 78 20.07 3.72 4.08
N SER C 79 20.46 4.39 5.17
CA SER C 79 19.61 5.43 5.76
C SER C 79 20.46 6.56 6.29
N PHE C 80 19.88 7.74 6.28
CA PHE C 80 20.49 8.88 6.97
C PHE C 80 19.43 9.88 7.36
N TRP C 81 19.77 10.72 8.33
CA TRP C 81 18.86 11.77 8.80
C TRP C 81 19.35 13.10 8.23
N ALA C 82 18.44 13.94 7.74
CA ALA C 82 18.79 15.26 7.21
C ALA C 82 17.90 16.31 7.81
N MET C 83 18.41 17.55 7.80
CA MET C 83 17.65 18.68 8.33
C MET C 83 18.20 19.95 7.71
N TYR C 84 17.33 20.93 7.48
CA TYR C 84 17.78 22.26 7.13
C TYR C 84 16.96 23.21 7.98
N ASP C 85 17.50 24.38 8.27
CA ASP C 85 16.84 25.28 9.23
C ASP C 85 16.79 26.74 8.81
N GLU C 86 16.87 27.01 7.53
CA GLU C 86 16.71 28.35 7.01
C GLU C 86 16.01 28.33 5.65
N GLY C 87 15.35 29.44 5.31
CA GLY C 87 14.80 29.60 3.96
C GLY C 87 13.39 29.11 3.85
N PRO C 88 13.14 28.20 2.92
CA PRO C 88 11.74 27.85 2.62
C PRO C 88 11.07 26.97 3.69
N ALA C 89 9.73 26.98 3.72
CA ALA C 89 8.97 26.23 4.73
C ALA C 89 9.16 24.71 4.58
N THR C 90 9.26 24.28 3.33
CA THR C 90 9.60 22.90 2.97
C THR C 90 10.66 22.86 1.84
N GLN C 91 11.44 21.77 1.77
CA GLN C 91 12.41 21.59 0.66
C GLN C 91 12.70 20.12 0.52
N VAL C 92 12.91 19.70 -0.72
CA VAL C 92 13.26 18.31 -1.00
C VAL C 92 14.76 18.09 -0.85
N ILE C 93 15.14 16.98 -0.22
CA ILE C 93 16.52 16.49 -0.21
C ILE C 93 16.53 15.06 -0.79
N ASN C 94 17.52 14.79 -1.63
CA ASN C 94 17.66 13.47 -2.26
C ASN C 94 18.86 12.73 -1.69
N GLY C 95 18.79 11.41 -1.66
CA GLY C 95 19.95 10.56 -1.42
C GLY C 95 20.29 9.89 -2.75
N SER C 96 21.57 9.88 -3.10
CA SER C 96 22.02 9.41 -4.38
C SER C 96 23.34 8.59 -4.23
N LEU C 97 23.63 7.82 -5.28
CA LEU C 97 24.90 7.10 -5.43
C LEU C 97 25.70 7.59 -6.60
N GLU C 98 27.00 7.71 -6.39
CA GLU C 98 27.96 8.00 -7.45
C GLU C 98 28.78 6.71 -7.59
N LYS C 99 28.81 6.18 -8.81
CA LYS C 99 29.50 4.92 -9.08
C LYS C 99 30.63 5.11 -10.07
N GLU C 100 31.74 4.43 -9.78
CA GLU C 100 32.91 4.34 -10.68
C GLU C 100 33.16 2.89 -11.05
N PHE C 101 33.52 2.67 -12.31
CA PHE C 101 33.83 1.31 -12.81
C PHE C 101 35.20 1.31 -13.43
N ASN C 102 35.97 0.25 -13.15
CA ASN C 102 37.32 0.03 -13.73
C ASN C 102 38.28 1.21 -13.48
N ARG C 103 38.11 1.89 -12.36
CA ARG C 103 38.92 3.07 -12.01
C ARG C 103 38.90 4.17 -13.07
N ASP C 104 37.81 4.22 -13.85
CA ASP C 104 37.67 5.28 -14.84
C ASP C 104 36.98 6.50 -14.22
N THR C 105 37.78 7.47 -13.79
CA THR C 105 37.27 8.64 -13.09
C THR C 105 36.62 9.68 -14.00
N ALA C 106 36.78 9.54 -15.31
CA ALA C 106 36.15 10.47 -16.23
C ALA C 106 34.72 10.07 -16.60
N ASN C 107 34.29 8.86 -16.26
CA ASN C 107 33.00 8.31 -16.72
C ASN C 107 32.21 7.68 -15.59
N LEU C 108 31.86 8.52 -14.63
CA LEU C 108 31.04 8.12 -13.46
C LEU C 108 29.57 8.01 -13.80
N GLU C 109 28.84 7.24 -12.99
CA GLU C 109 27.38 7.15 -13.03
C GLU C 109 26.77 7.71 -11.80
N TYR C 110 25.55 8.18 -11.93
CA TYR C 110 24.80 8.73 -10.80
C TYR C 110 23.39 8.18 -10.78
N ALA C 111 22.91 7.83 -9.61
CA ALA C 111 21.57 7.29 -9.48
C ALA C 111 20.96 7.75 -8.16
N MET C 112 19.76 8.28 -8.21
CA MET C 112 19.08 8.68 -6.98
C MET C 112 18.45 7.46 -6.38
N PHE C 113 18.63 7.23 -5.08
CA PHE C 113 17.95 6.13 -4.37
C PHE C 113 16.71 6.50 -3.55
N ALA C 114 16.60 7.77 -3.16
CA ALA C 114 15.52 8.20 -2.29
C ALA C 114 15.38 9.69 -2.40
N SER C 115 14.17 10.19 -2.17
CA SER C 115 13.87 11.62 -2.26
C SER C 115 12.72 11.88 -1.26
N THR C 116 12.78 12.98 -0.51
CA THR C 116 11.64 13.31 0.38
C THR C 116 11.56 14.80 0.57
N THR C 117 10.36 15.24 0.95
CA THR C 117 10.13 16.62 1.35
C THR C 117 10.36 16.75 2.86
N LEU C 118 11.27 17.65 3.26
CA LEU C 118 11.47 17.98 4.64
C LEU C 118 10.75 19.25 5.04
N ASN C 119 10.36 19.31 6.30
CA ASN C 119 9.83 20.53 6.91
C ASN C 119 10.98 21.27 7.58
N LYS C 120 11.05 22.59 7.37
CA LYS C 120 12.13 23.39 7.98
C LYS C 120 12.29 23.09 9.46
N GLY C 121 13.51 22.81 9.88
CA GLY C 121 13.84 22.59 11.27
C GLY C 121 13.65 21.20 11.84
N GLN C 122 13.07 20.28 11.04
CA GLN C 122 12.79 18.95 11.52
C GLN C 122 13.69 17.94 10.83
N TRP C 123 14.34 17.14 11.64
CA TRP C 123 15.11 15.99 11.14
C TRP C 123 14.16 14.96 10.51
N LYS C 124 14.57 14.41 9.36
CA LYS C 124 13.82 13.36 8.71
C LYS C 124 14.75 12.30 8.18
N LYS C 125 14.29 11.06 8.24
CA LYS C 125 15.05 9.93 7.74
C LYS C 125 14.83 9.70 6.26
N ILE C 126 15.93 9.56 5.53
CA ILE C 126 15.93 9.26 4.11
C ILE C 126 16.50 7.86 4.02
N GLU C 127 15.82 6.93 3.38
CA GLU C 127 16.29 5.55 3.33
C GLU C 127 15.84 4.75 2.11
N ALA C 128 16.59 3.69 1.80
CA ALA C 128 16.18 2.75 0.74
C ALA C 128 17.05 1.54 0.76
N ASP C 129 16.55 0.46 0.18
CA ASP C 129 17.46 -0.66 -0.19
C ASP C 129 18.20 -0.31 -1.47
N ILE C 130 19.48 -0.66 -1.50
CA ILE C 130 20.25 -0.45 -2.70
C ILE C 130 21.02 -1.72 -3.03
N ILE C 131 21.32 -1.86 -4.32
CA ILE C 131 22.08 -3.00 -4.80
C ILE C 131 23.52 -2.61 -4.93
N VAL C 132 24.43 -3.46 -4.43
CA VAL C 132 25.86 -3.27 -4.64
C VAL C 132 26.21 -4.13 -5.86
N PRO C 133 26.67 -3.49 -6.93
CA PRO C 133 26.99 -4.26 -8.15
C PRO C 133 28.03 -5.34 -7.91
N ALA C 134 27.94 -6.42 -8.70
CA ALA C 134 28.82 -7.58 -8.58
C ALA C 134 30.26 -7.25 -9.00
N GLU C 135 31.20 -8.03 -8.46
CA GLU C 135 32.60 -7.95 -8.81
C GLU C 135 32.82 -7.86 -10.30
N SER C 136 32.11 -8.68 -11.07
CA SER C 136 32.35 -8.77 -12.50
C SER C 136 31.90 -7.57 -13.32
N THR C 137 31.20 -6.61 -12.70
CA THR C 137 30.97 -5.33 -13.34
C THR C 137 32.22 -4.46 -13.44
N GLY C 138 33.25 -4.76 -12.65
CA GLY C 138 34.41 -3.88 -12.54
C GLY C 138 34.22 -2.71 -11.59
N ILE C 139 33.09 -2.67 -10.88
CA ILE C 139 32.83 -1.58 -9.95
C ILE C 139 34.03 -1.35 -9.03
N SER C 140 34.44 -0.08 -8.94
CA SER C 140 35.61 0.34 -8.18
C SER C 140 35.34 1.50 -7.20
N GLY C 141 34.14 2.04 -7.24
CA GLY C 141 33.74 3.07 -6.31
C GLY C 141 32.24 3.10 -6.22
N LEU C 142 31.73 3.28 -5.02
CA LEU C 142 30.31 3.46 -4.78
C LEU C 142 30.17 4.39 -3.61
N ARG C 143 29.69 5.62 -3.86
CA ARG C 143 29.68 6.64 -2.85
C ARG C 143 28.26 7.14 -2.64
N MET C 144 27.89 7.36 -1.40
CA MET C 144 26.58 7.91 -1.13
C MET C 144 26.71 9.39 -0.96
N TYR C 145 25.71 10.12 -1.43
CA TYR C 145 25.68 11.58 -1.23
C TYR C 145 24.26 12.11 -1.13
N ALA C 146 24.13 13.30 -0.56
CA ALA C 146 22.85 13.99 -0.43
C ALA C 146 22.93 15.26 -1.28
N GLU C 147 21.79 15.69 -1.81
CA GLU C 147 21.73 16.86 -2.70
C GLU C 147 20.31 17.36 -2.75
N THR C 148 20.09 18.48 -3.43
CA THR C 148 18.75 18.96 -3.73
C THR C 148 18.42 18.63 -5.18
N PRO C 149 17.12 18.67 -5.54
CA PRO C 149 16.76 18.28 -6.90
C PRO C 149 17.40 19.12 -8.00
N TRP C 150 17.82 18.45 -9.08
CA TRP C 150 18.56 19.09 -10.18
C TRP C 150 17.89 20.30 -10.85
N LYS C 151 18.66 21.35 -11.07
CA LYS C 151 18.28 22.49 -11.93
C LYS C 151 19.53 22.90 -12.67
N GLN C 152 19.37 23.36 -13.91
CA GLN C 152 20.54 23.85 -14.63
C GLN C 152 21.11 25.11 -13.93
N SER C 153 22.41 25.33 -14.13
CA SER C 153 23.14 26.37 -13.39
C SER C 153 22.50 27.75 -13.50
N SER C 154 22.01 28.09 -14.69
CA SER C 154 21.41 29.41 -14.93
C SER C 154 20.09 29.60 -14.15
N GLU C 155 19.38 28.52 -13.84
CA GLU C 155 18.08 28.63 -13.16
C GLU C 155 18.10 28.29 -11.65
N VAL C 156 19.29 28.12 -11.08
CA VAL C 156 19.41 27.81 -9.67
C VAL C 156 19.01 29.03 -8.84
N THR C 157 18.25 28.82 -7.76
CA THR C 157 17.82 29.92 -6.86
C THR C 157 18.35 29.66 -5.46
N GLU C 158 18.16 30.65 -4.60
CA GLU C 158 18.56 30.57 -3.18
C GLU C 158 17.98 29.35 -2.48
N THR C 159 16.73 29.01 -2.75
CA THR C 159 16.09 27.90 -2.05
C THR C 159 16.72 26.57 -2.47
N ASP C 160 17.26 26.49 -3.67
CA ASP C 160 17.92 25.27 -4.14
C ASP C 160 19.27 25.01 -3.47
N THR C 161 19.92 26.08 -3.00
CA THR C 161 21.29 25.96 -2.53
C THR C 161 21.41 26.17 -1.03
N ILE C 162 20.31 25.93 -0.31
CA ILE C 162 20.30 25.97 1.13
C ILE C 162 21.35 25.08 1.71
N PRO C 163 22.03 25.56 2.79
CA PRO C 163 22.86 24.63 3.55
C PRO C 163 22.00 23.61 4.26
N PHE C 164 22.56 22.46 4.55
CA PHE C 164 21.79 21.47 5.28
C PHE C 164 22.73 20.54 6.03
N TYR C 165 22.16 19.83 7.00
CA TYR C 165 22.87 18.94 7.88
C TYR C 165 22.48 17.51 7.60
N VAL C 166 23.45 16.58 7.79
CA VAL C 166 23.17 15.14 7.79
C VAL C 166 23.77 14.53 9.06
N ASP C 167 23.17 13.44 9.50
CA ASP C 167 23.59 12.79 10.73
C ASP C 167 23.09 11.34 10.72
N ASP C 168 23.66 10.52 11.61
CA ASP C 168 23.23 9.13 11.80
C ASP C 168 23.09 8.38 10.48
N VAL C 169 24.16 8.43 9.70
CA VAL C 169 24.25 7.75 8.41
C VAL C 169 24.55 6.30 8.73
N GLN C 170 23.77 5.39 8.16
CA GLN C 170 23.92 3.98 8.49
C GLN C 170 23.68 3.10 7.26
N ILE C 171 24.47 2.03 7.14
CA ILE C 171 24.16 0.98 6.18
C ILE C 171 24.04 -0.37 6.92
N THR C 172 22.98 -1.11 6.65
CA THR C 172 22.74 -2.39 7.33
C THR C 172 22.51 -3.51 6.35
N ALA C 173 22.89 -4.72 6.75
CA ALA C 173 22.66 -5.90 5.94
C ALA C 173 21.16 -6.19 5.85
N THR C 174 20.74 -6.81 4.74
CA THR C 174 19.32 -7.23 4.58
C THR C 174 19.18 -8.76 4.63
#